data_6JK6
#
_entry.id   6JK6
#
_cell.length_a   66.726
_cell.length_b   66.726
_cell.length_c   88.363
_cell.angle_alpha   90.00
_cell.angle_beta   90.00
_cell.angle_gamma   90.00
#
_symmetry.space_group_name_H-M   'P 43'
#
loop_
_entity.id
_entity.type
_entity.pdbx_description
1 polymer Chitotriosidase-1
2 non-polymer 6-azanyl-11-methyl-2-oxidanylidene-7-[[(2R)-oxolan-2-yl]methyl]-N-(pyridin-3-ylmethyl)-1,9-diaza-7-azoniatricyclo[8.4.0.0^{3,8}]tetradeca-3(8),4,6,9,11,13-hexaene-5-carboxamide
3 water water
#
_entity_poly.entity_id   1
_entity_poly.type   'polypeptide(L)'
_entity_poly.pdbx_seq_one_letter_code
;AKLVCYFTNWAQYRQGEARFLPKDLDPSLCTHLIYAFAGMTNHQLSTTEWNDETLYQEFNGLKKMNPKLKTLLAIGGWNF
GTQKFTDMVATANNRQTFVNSAIRFLRKYSFDGLDLDWEYPGSQGSPAVDKERFTTLVQDLANAFQQEAQTSGKERLLLS
AAVPAGQTYVDAGYEVDKIAQNLDFVNLMAYDFHGSWEKVTGHNSPLYKRQEESGAAASLNVDAAVQQWLQKGTPASKLI
LGMPTYGRSFTLASSSDTRVGAPATGSGTPGPFTKEGGMLAYYEVCSWKGATKQRIQDQKVPYIFRDNQWVGFDDVESFK
TKVSYLKQKGLGGAMVWALDLDDFAGFSCNQGRYPLIQTLRQELSLPYLPSGTPEHHHHHH
;
_entity_poly.pdbx_strand_id   A
#
# COMPACT_ATOMS: atom_id res chain seq x y z
N ALA A 1 -4.13 0.85 18.23
CA ALA A 1 -3.41 0.81 16.95
C ALA A 1 -4.36 0.51 15.81
N LYS A 2 -3.91 0.84 14.61
CA LYS A 2 -4.66 0.57 13.39
C LYS A 2 -4.00 -0.58 12.64
N LEU A 3 -4.82 -1.39 11.99
CA LEU A 3 -4.35 -2.35 10.99
C LEU A 3 -5.15 -2.04 9.73
N VAL A 4 -4.49 -1.39 8.77
CA VAL A 4 -5.13 -0.88 7.56
C VAL A 4 -4.81 -1.85 6.43
N CYS A 5 -5.82 -2.38 5.77
CA CYS A 5 -5.62 -3.42 4.75
C CYS A 5 -6.27 -3.03 3.42
N TYR A 6 -5.50 -3.17 2.34
CA TYR A 6 -6.00 -2.85 1.00
C TYR A 6 -6.61 -4.08 0.35
N PHE A 7 -7.81 -3.88 -0.18
CA PHE A 7 -8.54 -4.79 -1.05
C PHE A 7 -8.36 -4.28 -2.47
N THR A 8 -8.20 -5.19 -3.44
CA THR A 8 -8.04 -4.75 -4.83
C THR A 8 -9.17 -5.32 -5.68
N ASN A 9 -9.78 -4.46 -6.50
CA ASN A 9 -10.98 -4.89 -7.22
C ASN A 9 -10.67 -5.59 -8.54
N TRP A 10 -9.40 -5.91 -8.83
CA TRP A 10 -9.07 -6.77 -9.95
C TRP A 10 -8.61 -8.15 -9.52
N ALA A 11 -8.50 -8.42 -8.22
CA ALA A 11 -8.12 -9.75 -7.78
C ALA A 11 -9.22 -10.76 -8.06
N GLN A 12 -10.44 -10.29 -8.32
CA GLN A 12 -11.53 -11.20 -8.68
C GLN A 12 -11.25 -11.94 -9.98
N TYR A 13 -10.27 -11.49 -10.77
CA TYR A 13 -9.98 -12.14 -12.04
C TYR A 13 -8.85 -13.14 -11.96
N ARG A 14 -8.27 -13.36 -10.78
CA ARG A 14 -7.21 -14.34 -10.65
C ARG A 14 -7.78 -15.75 -10.80
N GLN A 15 -6.94 -16.65 -11.30
CA GLN A 15 -7.35 -18.00 -11.60
C GLN A 15 -7.44 -18.85 -10.35
N GLY A 16 -8.35 -19.83 -10.37
CA GLY A 16 -8.32 -20.88 -9.38
C GLY A 16 -8.53 -20.33 -7.99
N GLU A 17 -7.75 -20.85 -7.04
CA GLU A 17 -7.99 -20.51 -5.65
C GLU A 17 -7.45 -19.14 -5.30
N ALA A 18 -6.77 -18.48 -6.23
CA ALA A 18 -6.29 -17.11 -6.02
C ALA A 18 -7.35 -16.05 -6.29
N ARG A 19 -8.50 -16.43 -6.86
CA ARG A 19 -9.58 -15.47 -7.06
C ARG A 19 -10.02 -14.90 -5.71
N PHE A 20 -10.14 -13.56 -5.64
CA PHE A 20 -10.47 -12.87 -4.39
C PHE A 20 -11.65 -11.93 -4.58
N LEU A 21 -12.70 -12.13 -3.79
CA LEU A 21 -13.90 -11.29 -3.78
C LEU A 21 -14.16 -10.85 -2.36
N PRO A 22 -15.10 -9.92 -2.15
CA PRO A 22 -15.34 -9.45 -0.78
C PRO A 22 -15.69 -10.57 0.20
N LYS A 23 -16.32 -11.65 -0.27
CA LYS A 23 -16.63 -12.80 0.58
C LYS A 23 -15.39 -13.45 1.18
N ASP A 24 -14.22 -13.20 0.61
CA ASP A 24 -12.98 -13.75 1.12
C ASP A 24 -12.39 -12.87 2.22
N LEU A 25 -12.99 -11.72 2.49
CA LEU A 25 -12.54 -10.84 3.55
C LEU A 25 -13.00 -11.35 4.90
N ASP A 26 -12.12 -11.23 5.88
CA ASP A 26 -12.43 -11.55 7.28
C ASP A 26 -12.79 -10.23 7.95
N PRO A 27 -14.04 -10.02 8.39
CA PRO A 27 -14.44 -8.70 8.91
C PRO A 27 -13.70 -8.27 10.15
N SER A 28 -13.06 -9.20 10.87
CA SER A 28 -12.38 -8.89 12.11
C SER A 28 -10.87 -8.77 11.95
N LEU A 29 -10.35 -9.03 10.75
CA LEU A 29 -8.89 -9.12 10.58
C LEU A 29 -8.21 -7.77 10.76
N CYS A 30 -8.76 -6.73 10.12
CA CYS A 30 -8.19 -5.40 10.10
C CYS A 30 -9.13 -4.43 10.80
N THR A 31 -8.59 -3.27 11.19
CA THR A 31 -9.43 -2.20 11.72
C THR A 31 -9.98 -1.30 10.64
N HIS A 32 -9.25 -1.15 9.54
CA HIS A 32 -9.64 -0.30 8.42
C HIS A 32 -9.41 -1.07 7.13
N LEU A 33 -10.43 -1.12 6.28
CA LEU A 33 -10.33 -1.76 4.98
C LEU A 33 -10.39 -0.69 3.92
N ILE A 34 -9.47 -0.72 2.95
CA ILE A 34 -9.44 0.29 1.89
C ILE A 34 -9.66 -0.38 0.56
N TYR A 35 -10.64 0.11 -0.19
CA TYR A 35 -11.03 -0.46 -1.47
C TYR A 35 -10.26 0.22 -2.60
N ALA A 36 -9.39 -0.53 -3.27
CA ALA A 36 -8.61 -0.02 -4.41
C ALA A 36 -9.18 -0.58 -5.71
N PHE A 37 -9.52 0.28 -6.68
CA PHE A 37 -9.47 1.75 -6.68
C PHE A 37 -10.75 2.28 -7.30
N ALA A 38 -11.11 3.50 -6.92
CA ALA A 38 -12.05 4.29 -7.69
C ALA A 38 -11.29 5.09 -8.73
N GLY A 39 -12.02 5.55 -9.73
CA GLY A 39 -11.45 6.41 -10.75
C GLY A 39 -12.11 7.77 -10.78
N MET A 40 -12.05 8.43 -11.93
CA MET A 40 -12.49 9.82 -12.01
C MET A 40 -13.05 10.05 -13.40
N THR A 41 -14.21 10.72 -13.47
CA THR A 41 -14.84 11.06 -14.74
C THR A 41 -15.35 12.49 -14.66
N ASN A 42 -14.81 13.37 -15.51
CA ASN A 42 -15.17 14.79 -15.50
C ASN A 42 -15.04 15.37 -14.10
N HIS A 43 -13.92 15.04 -13.45
CA HIS A 43 -13.55 15.49 -12.11
C HIS A 43 -14.44 14.91 -11.02
N GLN A 44 -15.17 13.83 -11.29
CA GLN A 44 -16.07 13.24 -10.31
C GLN A 44 -15.70 11.79 -10.06
N LEU A 45 -15.82 11.36 -8.81
CA LEU A 45 -15.54 9.98 -8.42
C LEU A 45 -16.36 9.00 -9.25
N SER A 46 -15.73 7.91 -9.70
CA SER A 46 -16.45 6.92 -10.48
C SER A 46 -15.89 5.53 -10.20
N THR A 47 -16.66 4.52 -10.62
CA THR A 47 -16.25 3.12 -10.52
C THR A 47 -15.22 2.78 -11.60
N THR A 48 -14.56 1.61 -11.43
CA THR A 48 -13.59 1.12 -12.41
C THR A 48 -13.81 -0.33 -12.86
N GLU A 49 -14.74 -1.06 -12.25
CA GLU A 49 -15.09 -2.40 -12.70
C GLU A 49 -16.60 -2.51 -12.82
N TRP A 50 -17.02 -3.39 -13.74
CA TRP A 50 -18.43 -3.57 -14.05
C TRP A 50 -19.28 -3.86 -12.81
N ASN A 51 -18.73 -4.58 -11.82
CA ASN A 51 -19.48 -5.01 -10.64
C ASN A 51 -19.12 -4.24 -9.37
N ASP A 52 -18.50 -3.07 -9.48
CA ASP A 52 -18.09 -2.31 -8.29
C ASP A 52 -19.27 -2.00 -7.37
N GLU A 53 -20.43 -1.61 -7.94
CA GLU A 53 -21.55 -1.28 -7.06
C GLU A 53 -21.95 -2.47 -6.20
N THR A 54 -21.96 -3.66 -6.79
CA THR A 54 -22.23 -4.87 -6.02
C THR A 54 -21.13 -5.13 -5.01
N LEU A 55 -19.88 -4.98 -5.43
CA LEU A 55 -18.77 -5.26 -4.51
C LEU A 55 -18.74 -4.26 -3.36
N TYR A 56 -19.01 -2.98 -3.65
CA TYR A 56 -19.09 -1.98 -2.59
C TYR A 56 -20.09 -2.41 -1.52
N GLN A 57 -21.25 -2.89 -1.96
CA GLN A 57 -22.30 -3.28 -1.02
C GLN A 57 -21.83 -4.43 -0.14
N GLU A 58 -21.16 -5.42 -0.74
CA GLU A 58 -20.65 -6.56 0.02
C GLU A 58 -19.53 -6.13 0.96
N PHE A 59 -18.64 -5.26 0.47
CA PHE A 59 -17.50 -4.74 1.23
C PHE A 59 -17.98 -3.98 2.45
N ASN A 60 -18.87 -3.00 2.26
CA ASN A 60 -19.31 -2.22 3.40
C ASN A 60 -20.30 -2.98 4.25
N GLY A 61 -20.94 -4.02 3.70
CA GLY A 61 -21.79 -4.89 4.48
C GLY A 61 -21.06 -5.65 5.57
N LEU A 62 -19.74 -5.80 5.45
CA LEU A 62 -18.99 -6.47 6.51
C LEU A 62 -19.14 -5.77 7.85
N LYS A 63 -19.45 -4.47 7.83
CA LYS A 63 -19.62 -3.72 9.07
C LYS A 63 -20.86 -4.17 9.86
N LYS A 64 -21.78 -4.90 9.22
CA LYS A 64 -22.90 -5.45 9.97
C LYS A 64 -22.43 -6.49 10.97
N MET A 65 -21.31 -7.17 10.69
CA MET A 65 -20.79 -8.15 11.61
C MET A 65 -19.78 -7.57 12.59
N ASN A 66 -19.20 -6.42 12.27
CA ASN A 66 -18.17 -5.81 13.09
C ASN A 66 -18.37 -4.32 13.00
N PRO A 67 -19.22 -3.74 13.85
CA PRO A 67 -19.48 -2.30 13.75
C PRO A 67 -18.28 -1.43 14.07
N LYS A 68 -17.19 -1.98 14.59
CA LYS A 68 -16.02 -1.17 14.85
C LYS A 68 -15.22 -0.93 13.57
N LEU A 69 -15.47 -1.76 12.56
CA LEU A 69 -14.70 -1.70 11.32
C LEU A 69 -15.01 -0.43 10.53
N LYS A 70 -13.95 0.19 9.99
CA LYS A 70 -14.08 1.36 9.14
C LYS A 70 -13.64 1.00 7.74
N THR A 71 -14.35 1.51 6.74
CA THR A 71 -13.98 1.29 5.34
C THR A 71 -13.65 2.62 4.67
N LEU A 72 -12.73 2.57 3.72
CA LEU A 72 -12.43 3.73 2.90
C LEU A 72 -12.34 3.29 1.45
N LEU A 73 -12.54 4.26 0.56
CA LEU A 73 -12.39 4.07 -0.89
C LEU A 73 -11.15 4.82 -1.33
N ALA A 74 -10.26 4.14 -2.05
CA ALA A 74 -9.02 4.74 -2.54
C ALA A 74 -9.24 5.22 -3.96
N ILE A 75 -8.81 6.44 -4.27
CA ILE A 75 -8.86 6.94 -5.64
C ILE A 75 -7.45 7.01 -6.19
N GLY A 76 -7.26 6.50 -7.39
CA GLY A 76 -6.00 6.66 -8.07
C GLY A 76 -5.32 5.34 -8.37
N GLY A 77 -4.10 5.20 -7.90
CA GLY A 77 -3.29 4.05 -8.22
C GLY A 77 -2.47 4.28 -9.47
N TRP A 78 -1.66 3.28 -9.79
CA TRP A 78 -0.64 3.48 -10.82
C TRP A 78 -1.27 3.66 -12.20
N ASN A 79 -2.14 2.74 -12.59
CA ASN A 79 -2.70 2.76 -13.94
C ASN A 79 -3.53 4.00 -14.19
N PHE A 80 -4.12 4.57 -13.14
CA PHE A 80 -4.91 5.78 -13.26
C PHE A 80 -4.10 6.94 -13.81
N GLY A 81 -2.81 6.98 -13.53
CA GLY A 81 -1.94 8.03 -14.02
C GLY A 81 -2.07 9.30 -13.21
N THR A 82 -1.56 10.39 -13.78
CA THR A 82 -1.58 11.66 -13.07
C THR A 82 -2.40 12.74 -13.73
N GLN A 83 -2.61 12.69 -15.04
CA GLN A 83 -3.23 13.81 -15.75
C GLN A 83 -4.59 14.18 -15.16
N LYS A 84 -5.42 13.20 -14.82
CA LYS A 84 -6.74 13.55 -14.30
C LYS A 84 -6.65 14.19 -12.92
N PHE A 85 -5.67 13.82 -12.11
CA PHE A 85 -5.45 14.55 -10.86
C PHE A 85 -5.01 15.97 -11.13
N THR A 86 -4.02 16.12 -12.01
CA THR A 86 -3.53 17.46 -12.37
C THR A 86 -4.65 18.37 -12.84
N ASP A 87 -5.57 17.87 -13.69
CA ASP A 87 -6.63 18.72 -14.21
C ASP A 87 -7.64 19.07 -13.13
N MET A 88 -7.89 18.14 -12.20
CA MET A 88 -8.91 18.37 -11.19
C MET A 88 -8.43 19.37 -10.14
N VAL A 89 -7.15 19.33 -9.77
CA VAL A 89 -6.66 20.26 -8.76
C VAL A 89 -6.30 21.61 -9.35
N ALA A 90 -6.38 21.76 -10.67
CA ALA A 90 -5.87 22.96 -11.32
C ALA A 90 -6.69 24.20 -10.98
N THR A 91 -7.99 24.03 -10.69
CA THR A 91 -8.85 25.18 -10.40
C THR A 91 -9.72 24.89 -9.20
N ALA A 92 -10.14 25.95 -8.51
CA ALA A 92 -11.01 25.79 -7.36
C ALA A 92 -12.36 25.21 -7.74
N ASN A 93 -12.85 25.55 -8.94
CA ASN A 93 -14.10 24.98 -9.43
C ASN A 93 -13.99 23.47 -9.55
N ASN A 94 -12.87 22.98 -10.10
CA ASN A 94 -12.71 21.56 -10.35
C ASN A 94 -12.53 20.79 -9.03
N ARG A 95 -11.80 21.38 -8.07
CA ARG A 95 -11.68 20.73 -6.76
C ARG A 95 -13.03 20.66 -6.06
N GLN A 96 -13.82 21.74 -6.13
CA GLN A 96 -15.15 21.70 -5.51
C GLN A 96 -16.04 20.65 -6.16
N THR A 97 -15.96 20.51 -7.49
CA THR A 97 -16.70 19.46 -8.16
C THR A 97 -16.29 18.09 -7.64
N PHE A 98 -14.98 17.87 -7.52
CA PHE A 98 -14.51 16.57 -7.03
C PHE A 98 -14.92 16.34 -5.58
N VAL A 99 -14.71 17.33 -4.71
CA VAL A 99 -14.98 17.17 -3.29
C VAL A 99 -16.46 16.89 -3.04
N ASN A 100 -17.34 17.63 -3.74
CA ASN A 100 -18.77 17.38 -3.57
C ASN A 100 -19.14 15.99 -4.08
N SER A 101 -18.55 15.57 -5.21
CA SER A 101 -18.88 14.26 -5.72
C SER A 101 -18.37 13.15 -4.80
N ALA A 102 -17.20 13.37 -4.18
CA ALA A 102 -16.68 12.37 -3.24
C ALA A 102 -17.61 12.18 -2.07
N ILE A 103 -18.08 13.28 -1.46
CA ILE A 103 -18.99 13.16 -0.33
C ILE A 103 -20.23 12.38 -0.73
N ARG A 104 -20.86 12.75 -1.85
CA ARG A 104 -22.08 12.05 -2.25
C ARG A 104 -21.82 10.57 -2.53
N PHE A 105 -20.67 10.28 -3.16
CA PHE A 105 -20.32 8.93 -3.57
C PHE A 105 -20.06 8.05 -2.37
N LEU A 106 -19.26 8.56 -1.42
CA LEU A 106 -18.94 7.77 -0.24
C LEU A 106 -20.20 7.54 0.61
N ARG A 107 -21.05 8.56 0.75
CA ARG A 107 -22.25 8.36 1.54
C ARG A 107 -23.23 7.41 0.86
N LYS A 108 -23.34 7.50 -0.48
CA LYS A 108 -24.26 6.64 -1.22
C LYS A 108 -23.93 5.16 -1.03
N TYR A 109 -22.64 4.82 -1.00
CA TYR A 109 -22.25 3.42 -0.96
C TYR A 109 -21.81 2.95 0.42
N SER A 110 -21.88 3.84 1.42
CA SER A 110 -21.63 3.51 2.84
C SER A 110 -20.15 3.29 3.12
N PHE A 111 -19.30 4.08 2.48
CA PHE A 111 -17.89 4.18 2.85
C PHE A 111 -17.71 5.21 3.96
N ASP A 112 -16.72 4.97 4.82
CA ASP A 112 -16.43 5.85 5.94
C ASP A 112 -15.34 6.88 5.63
N GLY A 113 -14.74 6.85 4.45
CA GLY A 113 -13.69 7.80 4.19
C GLY A 113 -13.08 7.61 2.81
N LEU A 114 -12.10 8.45 2.53
CA LEU A 114 -11.42 8.52 1.24
C LEU A 114 -9.93 8.43 1.46
N ASP A 115 -9.28 7.59 0.65
CA ASP A 115 -7.83 7.41 0.67
C ASP A 115 -7.28 7.92 -0.66
N LEU A 116 -6.34 8.85 -0.60
CA LEU A 116 -5.79 9.48 -1.79
C LEU A 116 -4.58 8.70 -2.27
N ASP A 117 -4.62 8.21 -3.51
CA ASP A 117 -3.55 7.36 -4.05
C ASP A 117 -3.05 7.91 -5.37
N TRP A 118 -2.82 9.21 -5.39
CA TRP A 118 -2.18 9.83 -6.55
C TRP A 118 -0.71 9.38 -6.60
N GLU A 119 -0.31 8.76 -7.71
CA GLU A 119 1.05 8.29 -7.86
C GLU A 119 1.72 9.00 -9.04
N TYR A 120 2.34 10.18 -8.82
CA TYR A 120 2.48 10.95 -7.56
C TYR A 120 2.42 12.42 -7.94
N PRO A 121 1.95 13.30 -7.07
CA PRO A 121 2.04 14.73 -7.39
C PRO A 121 3.49 15.13 -7.56
N GLY A 122 3.75 15.94 -8.59
CA GLY A 122 5.11 16.39 -8.82
C GLY A 122 6.03 15.43 -9.53
N SER A 123 5.60 14.20 -9.80
CA SER A 123 6.42 13.20 -10.48
C SER A 123 5.58 12.48 -11.53
N GLN A 124 6.24 11.61 -12.30
CA GLN A 124 5.58 10.79 -13.32
C GLN A 124 4.78 11.64 -14.29
N GLY A 125 5.32 12.82 -14.63
CA GLY A 125 4.69 13.73 -15.56
C GLY A 125 3.78 14.77 -14.93
N SER A 126 3.49 14.65 -13.65
CA SER A 126 2.74 15.69 -12.97
C SER A 126 3.65 16.89 -12.71
N PRO A 127 3.20 18.12 -12.99
CA PRO A 127 4.09 19.27 -12.86
C PRO A 127 4.34 19.69 -11.42
N ALA A 128 5.41 20.46 -11.24
CA ALA A 128 5.85 20.87 -9.90
C ALA A 128 4.78 21.64 -9.13
N VAL A 129 3.89 22.35 -9.84
CA VAL A 129 2.78 23.05 -9.20
C VAL A 129 1.85 22.10 -8.45
N ASP A 130 1.88 20.81 -8.80
CA ASP A 130 0.95 19.89 -8.16
C ASP A 130 1.32 19.60 -6.70
N LYS A 131 2.53 19.94 -6.26
CA LYS A 131 2.89 19.76 -4.85
C LYS A 131 2.00 20.61 -3.95
N GLU A 132 1.92 21.91 -4.23
CA GLU A 132 1.07 22.78 -3.42
C GLU A 132 -0.41 22.56 -3.71
N ARG A 133 -0.76 22.18 -4.95
CA ARG A 133 -2.16 21.95 -5.24
C ARG A 133 -2.66 20.67 -4.57
N PHE A 134 -1.77 19.69 -4.36
CA PHE A 134 -2.16 18.53 -3.56
C PHE A 134 -2.44 18.96 -2.12
N THR A 135 -1.58 19.81 -1.54
CA THR A 135 -1.85 20.34 -0.21
C THR A 135 -3.22 21.02 -0.15
N THR A 136 -3.54 21.84 -1.16
CA THR A 136 -4.85 22.50 -1.20
C THR A 136 -5.98 21.50 -1.33
N LEU A 137 -5.80 20.46 -2.15
CA LEU A 137 -6.84 19.43 -2.29
C LEU A 137 -7.12 18.76 -0.95
N VAL A 138 -6.06 18.39 -0.23
CA VAL A 138 -6.21 17.77 1.07
C VAL A 138 -6.93 18.72 2.03
N GLN A 139 -6.54 19.99 2.02
CA GLN A 139 -7.25 20.96 2.85
C GLN A 139 -8.71 21.09 2.46
N ASP A 140 -8.99 21.14 1.14
CA ASP A 140 -10.37 21.22 0.68
C ASP A 140 -11.20 20.03 1.13
N LEU A 141 -10.64 18.83 1.01
CA LEU A 141 -11.38 17.64 1.43
C LEU A 141 -11.63 17.66 2.93
N ALA A 142 -10.60 17.98 3.70
CA ALA A 142 -10.70 17.97 5.16
C ALA A 142 -11.76 18.95 5.63
N ASN A 143 -11.75 20.16 5.04
CA ASN A 143 -12.76 21.18 5.37
C ASN A 143 -14.17 20.72 5.00
N ALA A 144 -14.33 20.15 3.80
CA ALA A 144 -15.66 19.72 3.40
C ALA A 144 -16.16 18.53 4.20
N PHE A 145 -15.26 17.61 4.57
CA PHE A 145 -15.68 16.49 5.40
C PHE A 145 -16.15 16.97 6.77
N GLN A 146 -15.42 17.92 7.36
CA GLN A 146 -15.83 18.48 8.64
C GLN A 146 -17.21 19.14 8.54
N GLN A 147 -17.44 19.92 7.47
CA GLN A 147 -18.75 20.57 7.31
C GLN A 147 -19.87 19.56 7.09
N GLU A 148 -19.60 18.50 6.32
CA GLU A 148 -20.64 17.52 6.06
C GLU A 148 -21.10 16.80 7.32
N ALA A 149 -20.18 16.60 8.28
CA ALA A 149 -20.53 15.91 9.52
C ALA A 149 -21.57 16.70 10.31
N GLN A 150 -21.51 18.01 10.24
CA GLN A 150 -22.47 18.85 10.98
C GLN A 150 -23.84 18.81 10.34
N THR A 151 -23.92 18.60 9.03
CA THR A 151 -25.21 18.58 8.35
C THR A 151 -25.82 17.19 8.33
N SER A 152 -25.00 16.14 8.31
CA SER A 152 -25.51 14.78 8.32
C SER A 152 -25.54 14.16 9.71
N GLY A 153 -24.78 14.69 10.65
CA GLY A 153 -24.68 14.10 11.98
C GLY A 153 -24.11 12.70 11.99
N LYS A 154 -23.62 12.23 10.85
CA LYS A 154 -22.89 10.96 10.79
C LYS A 154 -21.47 11.18 11.26
N GLU A 155 -20.76 10.08 11.50
CA GLU A 155 -19.35 10.19 11.85
C GLU A 155 -18.61 10.87 10.70
N ARG A 156 -17.70 11.77 11.04
CA ARG A 156 -17.02 12.54 10.01
C ARG A 156 -16.24 11.60 9.09
N LEU A 157 -16.39 11.82 7.79
CA LEU A 157 -15.64 11.05 6.79
C LEU A 157 -14.14 11.16 7.07
N LEU A 158 -13.45 10.01 7.00
CA LEU A 158 -12.02 9.94 7.20
C LEU A 158 -11.30 10.32 5.90
N LEU A 159 -10.10 10.88 6.05
CA LEU A 159 -9.24 11.20 4.93
C LEU A 159 -7.86 10.66 5.20
N SER A 160 -7.37 9.79 4.30
CA SER A 160 -6.01 9.26 4.41
C SER A 160 -5.32 9.42 3.06
N ALA A 161 -4.02 9.14 3.05
CA ALA A 161 -3.28 9.10 1.79
C ALA A 161 -2.22 8.02 1.86
N ALA A 162 -2.02 7.33 0.73
CA ALA A 162 -0.87 6.46 0.55
C ALA A 162 0.26 7.30 0.01
N VAL A 163 1.40 7.25 0.69
CA VAL A 163 2.51 8.15 0.39
C VAL A 163 3.81 7.39 0.15
N PRO A 164 4.69 7.92 -0.70
CA PRO A 164 5.90 7.21 -1.07
C PRO A 164 6.97 7.30 0.00
N ALA A 165 7.87 6.31 -0.01
CA ALA A 165 9.02 6.26 0.88
C ALA A 165 10.23 7.00 0.30
N GLY A 166 10.33 7.09 -1.02
CA GLY A 166 11.52 7.64 -1.65
C GLY A 166 11.59 9.16 -1.51
N GLN A 167 12.73 9.66 -1.01
CA GLN A 167 12.87 11.09 -0.76
C GLN A 167 12.65 11.93 -2.01
N THR A 168 13.06 11.44 -3.18
CA THR A 168 12.82 12.19 -4.42
C THR A 168 11.34 12.46 -4.61
N TYR A 169 10.50 11.42 -4.46
CA TYR A 169 9.07 11.61 -4.62
C TYR A 169 8.51 12.46 -3.49
N VAL A 170 9.01 12.29 -2.27
CA VAL A 170 8.47 13.04 -1.15
C VAL A 170 8.71 14.53 -1.36
N ASP A 171 9.93 14.89 -1.74
CA ASP A 171 10.20 16.32 -1.88
C ASP A 171 9.57 16.89 -3.14
N ALA A 172 9.41 16.09 -4.20
CA ALA A 172 8.74 16.59 -5.40
C ALA A 172 7.24 16.80 -5.21
N GLY A 173 6.61 16.09 -4.27
CA GLY A 173 5.17 16.18 -4.23
C GLY A 173 4.48 16.47 -2.90
N TYR A 174 5.18 16.40 -1.77
CA TYR A 174 4.50 16.30 -0.48
C TYR A 174 5.01 17.34 0.49
N GLU A 175 4.13 18.30 0.84
CA GLU A 175 4.37 19.21 1.96
C GLU A 175 3.96 18.48 3.23
N VAL A 176 4.89 17.67 3.74
CA VAL A 176 4.55 16.67 4.75
C VAL A 176 3.88 17.31 5.94
N ASP A 177 4.47 18.41 6.44
CA ASP A 177 3.94 19.06 7.64
C ASP A 177 2.53 19.57 7.42
N LYS A 178 2.24 20.10 6.24
CA LYS A 178 0.91 20.66 6.01
C LYS A 178 -0.14 19.57 5.78
N ILE A 179 0.17 18.52 5.02
CA ILE A 179 -0.89 17.56 4.75
C ILE A 179 -1.15 16.68 5.96
N ALA A 180 -0.12 16.40 6.76
CA ALA A 180 -0.30 15.53 7.92
C ALA A 180 -1.30 16.13 8.92
N GLN A 181 -1.40 17.46 8.99
CA GLN A 181 -2.37 18.10 9.87
C GLN A 181 -3.79 17.72 9.49
N ASN A 182 -4.07 17.61 8.19
CA ASN A 182 -5.42 17.41 7.72
C ASN A 182 -5.77 15.96 7.44
N LEU A 183 -4.78 15.07 7.43
CA LEU A 183 -5.03 13.66 7.22
C LEU A 183 -5.32 12.98 8.55
N ASP A 184 -6.28 12.06 8.55
CA ASP A 184 -6.50 11.26 9.76
C ASP A 184 -5.36 10.27 9.98
N PHE A 185 -4.82 9.71 8.90
CA PHE A 185 -3.64 8.87 9.01
C PHE A 185 -2.96 8.86 7.66
N VAL A 186 -1.71 8.42 7.68
CA VAL A 186 -0.79 8.46 6.54
C VAL A 186 -0.29 7.04 6.32
N ASN A 187 -0.59 6.48 5.15
CA ASN A 187 -0.25 5.09 4.86
C ASN A 187 1.07 5.08 4.13
N LEU A 188 2.16 4.80 4.85
CA LEU A 188 3.49 4.89 4.26
C LEU A 188 3.77 3.65 3.44
N MET A 189 4.03 3.83 2.14
CA MET A 189 4.31 2.69 1.24
C MET A 189 5.78 2.26 1.39
N ALA A 190 6.06 1.62 2.53
CA ALA A 190 7.43 1.26 2.91
C ALA A 190 7.88 -0.05 2.25
N TYR A 191 7.93 -0.02 0.92
CA TYR A 191 8.29 -1.18 0.14
C TYR A 191 8.64 -0.66 -1.25
N ASP A 192 8.91 -1.57 -2.17
CA ASP A 192 9.40 -1.22 -3.51
C ASP A 192 10.71 -0.44 -3.45
N PHE A 193 11.54 -0.71 -2.43
CA PHE A 193 12.85 -0.05 -2.33
C PHE A 193 13.82 -0.55 -3.37
N HIS A 194 13.65 -1.81 -3.78
CA HIS A 194 14.45 -2.44 -4.80
C HIS A 194 13.53 -3.30 -5.64
N GLY A 195 13.96 -3.56 -6.87
CA GLY A 195 13.17 -4.40 -7.76
C GLY A 195 13.91 -4.58 -9.07
N SER A 196 13.24 -5.28 -10.01
CA SER A 196 13.96 -5.74 -11.20
C SER A 196 14.22 -4.63 -12.21
N TRP A 197 13.86 -3.39 -11.90
CA TRP A 197 14.39 -2.25 -12.66
C TRP A 197 15.86 -2.03 -12.37
N GLU A 198 16.39 -2.62 -11.30
CA GLU A 198 17.80 -2.48 -10.95
C GLU A 198 18.62 -3.61 -11.55
N LYS A 199 19.93 -3.34 -11.72
CA LYS A 199 20.82 -4.30 -12.36
C LYS A 199 21.40 -5.34 -11.40
N VAL A 200 21.08 -5.26 -10.11
CA VAL A 200 21.55 -6.24 -9.13
C VAL A 200 20.38 -6.58 -8.21
N THR A 201 20.46 -7.75 -7.58
CA THR A 201 19.39 -8.11 -6.66
C THR A 201 19.39 -7.20 -5.43
N GLY A 202 18.19 -6.97 -4.89
CA GLY A 202 18.03 -6.22 -3.66
C GLY A 202 16.64 -6.52 -3.15
N HIS A 203 16.44 -6.24 -1.86
CA HIS A 203 15.17 -6.62 -1.23
C HIS A 203 14.10 -5.54 -1.38
N ASN A 204 12.87 -6.02 -1.65
CA ASN A 204 11.72 -5.15 -1.79
C ASN A 204 11.49 -4.25 -0.58
N SER A 205 11.73 -4.75 0.62
CA SER A 205 11.30 -4.05 1.84
C SER A 205 12.21 -4.39 3.00
N PRO A 206 13.50 -3.99 2.93
CA PRO A 206 14.40 -4.24 4.07
C PRO A 206 14.13 -3.27 5.20
N LEU A 207 14.34 -3.73 6.45
CA LEU A 207 14.07 -2.84 7.58
C LEU A 207 15.20 -1.84 7.79
N TYR A 208 16.43 -2.29 7.61
CA TYR A 208 17.61 -1.46 7.78
C TYR A 208 18.51 -1.59 6.54
N LYS A 209 19.52 -0.72 6.48
CA LYS A 209 20.49 -0.79 5.40
C LYS A 209 21.44 -1.99 5.57
N ARG A 210 22.10 -2.37 4.47
CA ARG A 210 23.25 -3.26 4.56
C ARG A 210 24.50 -2.41 4.76
N GLN A 211 25.55 -3.02 5.31
CA GLN A 211 26.76 -2.24 5.63
C GLN A 211 27.43 -1.73 4.36
N GLU A 212 27.34 -2.46 3.25
CA GLU A 212 27.90 -1.99 1.99
C GLU A 212 27.20 -0.75 1.45
N GLU A 213 26.04 -0.43 1.99
CA GLU A 213 25.27 0.71 1.52
C GLU A 213 25.69 1.97 2.27
N SER A 214 25.87 3.05 1.52
CA SER A 214 26.23 4.33 2.08
C SER A 214 25.57 5.42 1.25
N GLY A 215 25.54 6.62 1.81
CA GLY A 215 24.95 7.73 1.08
C GLY A 215 23.46 7.54 0.87
N ALA A 216 22.99 7.94 -0.32
CA ALA A 216 21.56 7.87 -0.58
C ALA A 216 21.05 6.43 -0.62
N ALA A 217 21.93 5.47 -0.91
CA ALA A 217 21.53 4.07 -0.87
C ALA A 217 21.23 3.59 0.54
N ALA A 218 21.78 4.26 1.55
CA ALA A 218 21.49 3.91 2.93
C ALA A 218 20.11 4.37 3.36
N SER A 219 19.36 5.06 2.48
CA SER A 219 17.99 5.45 2.75
C SER A 219 16.96 4.52 2.13
N LEU A 220 17.39 3.48 1.43
CA LEU A 220 16.44 2.59 0.76
C LEU A 220 16.02 1.47 1.71
N ASN A 221 15.36 1.87 2.79
CA ASN A 221 14.94 0.88 3.77
C ASN A 221 13.84 1.49 4.63
N VAL A 222 13.12 0.61 5.33
CA VAL A 222 11.94 1.04 6.07
C VAL A 222 12.30 2.08 7.12
N ASP A 223 13.34 1.83 7.90
CA ASP A 223 13.71 2.73 8.99
C ASP A 223 13.98 4.13 8.47
N ALA A 224 14.71 4.25 7.35
CA ALA A 224 14.99 5.56 6.80
C ALA A 224 13.73 6.28 6.36
N ALA A 225 12.80 5.56 5.75
CA ALA A 225 11.56 6.15 5.30
C ALA A 225 10.71 6.62 6.47
N VAL A 226 10.63 5.81 7.54
CA VAL A 226 9.88 6.20 8.72
C VAL A 226 10.49 7.46 9.32
N GLN A 227 11.80 7.46 9.50
CA GLN A 227 12.46 8.63 10.10
C GLN A 227 12.20 9.87 9.27
N GLN A 228 12.21 9.75 7.93
CA GLN A 228 11.96 10.91 7.07
C GLN A 228 10.57 11.48 7.32
N TRP A 229 9.55 10.64 7.35
CA TRP A 229 8.19 11.15 7.50
C TRP A 229 7.96 11.69 8.91
N LEU A 230 8.62 11.12 9.91
CA LEU A 230 8.51 11.67 11.26
C LEU A 230 9.23 13.02 11.35
N GLN A 231 10.48 13.04 10.86
CA GLN A 231 11.27 14.27 10.93
C GLN A 231 10.56 15.43 10.26
N LYS A 232 9.93 15.17 9.10
CA LYS A 232 9.32 16.22 8.31
C LYS A 232 7.96 16.65 8.85
N GLY A 233 7.50 16.05 9.94
CA GLY A 233 6.35 16.57 10.64
C GLY A 233 5.11 15.71 10.70
N THR A 234 5.22 14.42 10.41
CA THR A 234 4.09 13.53 10.65
C THR A 234 4.08 13.09 12.10
N PRO A 235 3.00 13.32 12.85
CA PRO A 235 2.92 12.75 14.20
C PRO A 235 3.03 11.24 14.12
N ALA A 236 3.80 10.65 15.05
CA ALA A 236 3.96 9.19 15.03
C ALA A 236 2.62 8.48 15.02
N SER A 237 1.63 8.99 15.77
CA SER A 237 0.35 8.30 15.88
C SER A 237 -0.43 8.31 14.58
N LYS A 238 -0.05 9.15 13.62
CA LYS A 238 -0.70 9.21 12.33
C LYS A 238 0.04 8.42 11.27
N LEU A 239 1.28 8.04 11.54
CA LEU A 239 2.10 7.34 10.56
C LEU A 239 1.83 5.83 10.65
N ILE A 240 1.33 5.26 9.56
CA ILE A 240 0.96 3.85 9.52
C ILE A 240 1.96 3.16 8.62
N LEU A 241 2.64 2.16 9.15
CA LEU A 241 3.77 1.54 8.45
C LEU A 241 3.27 0.48 7.48
N GLY A 242 3.43 0.75 6.18
CA GLY A 242 3.03 -0.23 5.17
C GLY A 242 3.96 -1.42 5.13
N MET A 243 3.38 -2.60 4.91
CA MET A 243 4.12 -3.85 4.82
C MET A 243 3.60 -4.63 3.62
N PRO A 244 4.46 -5.29 2.89
CA PRO A 244 4.04 -5.96 1.65
C PRO A 244 3.77 -7.44 1.86
N THR A 245 2.64 -7.95 1.36
CA THR A 245 2.44 -9.38 1.29
C THR A 245 2.84 -9.94 -0.06
N TYR A 246 3.78 -9.27 -0.73
CA TYR A 246 4.36 -9.73 -1.96
C TYR A 246 5.87 -9.48 -1.88
N GLY A 247 6.60 -10.11 -2.79
CA GLY A 247 8.02 -9.89 -2.92
C GLY A 247 8.36 -9.44 -4.34
N ARG A 248 9.62 -9.06 -4.53
CA ARG A 248 10.08 -8.67 -5.85
C ARG A 248 11.18 -9.60 -6.33
N SER A 249 11.06 -10.00 -7.58
CA SER A 249 11.82 -11.11 -8.13
C SER A 249 12.75 -10.66 -9.24
N PHE A 250 13.85 -11.42 -9.39
CA PHE A 250 14.89 -11.14 -10.38
C PHE A 250 15.28 -12.42 -11.09
N THR A 251 15.70 -12.28 -12.34
CA THR A 251 16.47 -13.34 -13.00
C THR A 251 17.95 -13.05 -12.79
N LEU A 252 18.64 -13.98 -12.12
CA LEU A 252 20.09 -13.86 -11.92
C LEU A 252 20.85 -13.98 -13.24
N ALA A 253 21.90 -13.16 -13.38
CA ALA A 253 22.78 -13.31 -14.54
C ALA A 253 23.43 -14.69 -14.56
N SER A 254 23.78 -15.22 -13.38
CA SER A 254 24.32 -16.57 -13.30
C SER A 254 23.86 -17.19 -11.99
N SER A 255 23.46 -18.46 -12.06
CA SER A 255 23.18 -19.23 -10.85
C SER A 255 24.38 -19.31 -9.92
N SER A 256 25.55 -18.83 -10.35
CA SER A 256 26.79 -18.90 -9.58
C SER A 256 27.04 -17.69 -8.69
N ASP A 257 26.24 -16.63 -8.78
CA ASP A 257 26.22 -15.59 -7.76
C ASP A 257 24.76 -15.38 -7.38
N THR A 258 24.42 -15.77 -6.15
CA THR A 258 23.06 -15.80 -5.62
C THR A 258 22.87 -14.83 -4.46
N ARG A 259 23.88 -13.99 -4.19
CA ARG A 259 23.89 -13.09 -3.05
C ARG A 259 22.93 -11.92 -3.26
N VAL A 260 22.60 -11.24 -2.16
CA VAL A 260 22.10 -9.87 -2.29
C VAL A 260 23.15 -9.04 -3.00
N GLY A 261 22.71 -8.28 -3.99
CA GLY A 261 23.60 -7.47 -4.80
C GLY A 261 24.22 -8.21 -5.98
N ALA A 262 23.80 -9.45 -6.24
CA ALA A 262 24.32 -10.21 -7.38
C ALA A 262 23.78 -9.63 -8.68
N PRO A 263 24.51 -9.75 -9.78
CA PRO A 263 24.03 -9.22 -11.05
C PRO A 263 22.74 -9.91 -11.46
N ALA A 264 21.80 -9.12 -12.00
CA ALA A 264 20.54 -9.63 -12.51
C ALA A 264 20.32 -9.12 -13.93
N THR A 265 19.57 -9.89 -14.71
CA THR A 265 19.33 -9.54 -16.10
C THR A 265 17.91 -9.06 -16.38
N GLY A 266 17.08 -8.96 -15.36
CA GLY A 266 15.71 -8.49 -15.53
C GLY A 266 14.80 -9.13 -14.51
N SER A 267 13.50 -9.04 -14.78
CA SER A 267 12.51 -9.54 -13.85
C SER A 267 12.60 -11.05 -13.67
N GLY A 268 12.17 -11.50 -12.50
CA GLY A 268 11.93 -12.91 -12.30
C GLY A 268 10.74 -13.39 -13.12
N THR A 269 10.72 -14.69 -13.36
CA THR A 269 9.61 -15.33 -14.06
C THR A 269 8.27 -14.95 -13.42
N PRO A 270 7.25 -14.61 -14.21
CA PRO A 270 5.94 -14.28 -13.62
C PRO A 270 5.40 -15.45 -12.81
N GLY A 271 4.68 -15.13 -11.72
CA GLY A 271 4.06 -16.15 -10.91
C GLY A 271 2.90 -16.80 -11.62
N PRO A 272 2.56 -18.02 -11.24
CA PRO A 272 1.47 -18.73 -11.92
C PRO A 272 0.12 -18.07 -11.73
N PHE A 273 -0.11 -17.35 -10.64
CA PHE A 273 -1.40 -16.70 -10.43
C PHE A 273 -1.34 -15.19 -10.65
N THR A 274 -0.26 -14.53 -10.24
CA THR A 274 -0.24 -13.07 -10.37
C THR A 274 0.21 -12.63 -11.76
N LYS A 275 1.02 -13.44 -12.47
CA LYS A 275 1.31 -13.23 -13.88
C LYS A 275 1.90 -11.87 -14.17
N GLU A 276 2.80 -11.41 -13.31
CA GLU A 276 3.46 -10.12 -13.51
C GLU A 276 4.94 -10.29 -13.19
N GLY A 277 5.78 -10.34 -14.22
CA GLY A 277 7.20 -10.47 -13.98
C GLY A 277 7.72 -9.40 -13.03
N GLY A 278 8.56 -9.82 -12.09
CA GLY A 278 9.16 -8.92 -11.13
C GLY A 278 8.49 -8.86 -9.78
N MET A 279 7.31 -9.46 -9.64
CA MET A 279 6.69 -9.56 -8.33
C MET A 279 6.12 -10.96 -8.15
N LEU A 280 5.96 -11.38 -6.90
CA LEU A 280 5.26 -12.60 -6.60
C LEU A 280 4.44 -12.40 -5.33
N ALA A 281 3.27 -12.99 -5.26
CA ALA A 281 2.49 -12.98 -4.02
C ALA A 281 3.18 -13.86 -2.98
N TYR A 282 2.94 -13.55 -1.69
CA TYR A 282 3.46 -14.44 -0.65
C TYR A 282 3.07 -15.90 -0.91
N TYR A 283 1.83 -16.15 -1.34
CA TYR A 283 1.42 -17.55 -1.54
C TYR A 283 2.11 -18.20 -2.74
N GLU A 284 2.78 -17.43 -3.59
CA GLU A 284 3.60 -17.99 -4.69
C GLU A 284 5.03 -18.30 -4.30
N VAL A 285 5.51 -17.75 -3.19
CA VAL A 285 6.85 -17.99 -2.70
C VAL A 285 6.89 -18.89 -1.49
N CYS A 286 5.84 -18.91 -0.68
CA CYS A 286 5.92 -19.59 0.61
C CYS A 286 6.11 -21.08 0.47
N SER A 287 5.76 -21.66 -0.68
CA SER A 287 5.80 -23.12 -0.83
C SER A 287 6.63 -23.54 -2.04
N TRP A 288 7.58 -22.71 -2.46
CA TRP A 288 8.58 -23.09 -3.45
C TRP A 288 9.26 -24.39 -3.05
N LYS A 289 9.21 -25.38 -3.93
CA LYS A 289 9.89 -26.64 -3.68
C LYS A 289 11.31 -26.56 -4.24
N GLY A 290 12.26 -27.13 -3.51
CA GLY A 290 13.62 -27.23 -4.02
C GLY A 290 14.32 -25.89 -4.11
N ALA A 291 14.04 -25.00 -3.18
CA ALA A 291 14.64 -23.67 -3.15
C ALA A 291 15.46 -23.52 -1.88
N THR A 292 16.20 -22.42 -1.79
CA THR A 292 17.00 -22.09 -0.61
C THR A 292 16.55 -20.74 -0.10
N LYS A 293 16.08 -20.70 1.16
CA LYS A 293 15.66 -19.48 1.84
C LYS A 293 16.72 -19.07 2.84
N GLN A 294 17.04 -17.79 2.86
CA GLN A 294 18.05 -17.24 3.75
C GLN A 294 17.59 -15.88 4.26
N ARG A 295 18.13 -15.45 5.39
CA ARG A 295 17.84 -14.13 5.91
C ARG A 295 19.00 -13.19 5.67
N ILE A 296 18.69 -11.96 5.26
CA ILE A 296 19.69 -10.89 5.15
C ILE A 296 19.87 -10.35 6.58
N GLN A 297 21.01 -10.67 7.18
CA GLN A 297 21.23 -10.42 8.61
C GLN A 297 21.00 -8.95 8.98
N ASP A 298 21.63 -8.03 8.24
CA ASP A 298 21.49 -6.62 8.58
C ASP A 298 20.06 -6.13 8.37
N GLN A 299 19.36 -6.66 7.38
CA GLN A 299 18.12 -6.05 6.94
C GLN A 299 16.88 -6.72 7.52
N LYS A 300 17.02 -7.87 8.19
CA LYS A 300 15.97 -8.52 8.97
C LYS A 300 14.83 -9.06 8.10
N VAL A 301 15.15 -9.45 6.87
CA VAL A 301 14.14 -9.93 5.92
C VAL A 301 14.74 -11.05 5.09
N PRO A 302 13.90 -11.94 4.57
CA PRO A 302 14.40 -13.11 3.84
C PRO A 302 14.46 -12.92 2.33
N TYR A 303 15.28 -13.75 1.70
CA TYR A 303 15.22 -13.97 0.26
C TYR A 303 15.28 -15.45 -0.03
N ILE A 304 14.85 -15.83 -1.23
CA ILE A 304 14.79 -17.23 -1.61
C ILE A 304 15.22 -17.33 -3.05
N PHE A 305 15.96 -18.38 -3.39
CA PHE A 305 16.38 -18.52 -4.78
C PHE A 305 16.35 -19.98 -5.16
N ARG A 306 16.18 -20.20 -6.46
CA ARG A 306 16.15 -21.55 -7.04
C ARG A 306 16.58 -21.37 -8.48
N ASP A 307 17.61 -22.12 -8.89
CA ASP A 307 18.23 -21.94 -10.20
C ASP A 307 18.60 -20.48 -10.41
N ASN A 308 18.08 -19.83 -11.45
CA ASN A 308 18.43 -18.43 -11.71
C ASN A 308 17.32 -17.47 -11.27
N GLN A 309 16.45 -17.88 -10.37
CA GLN A 309 15.35 -17.04 -9.88
C GLN A 309 15.61 -16.65 -8.44
N TRP A 310 15.47 -15.36 -8.14
CA TRP A 310 15.83 -14.80 -6.83
C TRP A 310 14.71 -13.87 -6.39
N VAL A 311 14.20 -14.05 -5.17
CA VAL A 311 13.07 -13.24 -4.71
C VAL A 311 13.32 -12.73 -3.30
N GLY A 312 13.17 -11.42 -3.10
CA GLY A 312 13.15 -10.85 -1.76
C GLY A 312 11.70 -10.65 -1.35
N PHE A 313 11.34 -11.16 -0.18
CA PHE A 313 9.93 -11.11 0.24
C PHE A 313 9.86 -10.96 1.75
N ASP A 314 8.65 -10.87 2.27
CA ASP A 314 8.42 -10.78 3.71
C ASP A 314 7.71 -12.04 4.19
N ASP A 315 8.08 -12.50 5.39
CA ASP A 315 7.46 -13.68 5.97
C ASP A 315 6.94 -13.33 7.36
N VAL A 316 6.44 -14.35 8.07
CA VAL A 316 5.88 -14.11 9.39
C VAL A 316 6.92 -13.47 10.30
N GLU A 317 8.17 -13.96 10.24
CA GLU A 317 9.23 -13.43 11.11
C GLU A 317 9.52 -11.98 10.79
N SER A 318 9.62 -11.63 9.51
CA SER A 318 9.93 -10.23 9.21
C SER A 318 8.77 -9.31 9.58
N PHE A 319 7.52 -9.77 9.42
CA PHE A 319 6.38 -8.99 9.89
C PHE A 319 6.43 -8.79 11.41
N LYS A 320 6.78 -9.83 12.16
CA LYS A 320 6.95 -9.68 13.61
C LYS A 320 8.03 -8.65 13.93
N THR A 321 9.15 -8.71 13.22
CA THR A 321 10.23 -7.75 13.45
C THR A 321 9.78 -6.33 13.14
N LYS A 322 9.04 -6.15 12.06
CA LYS A 322 8.61 -4.80 11.72
C LYS A 322 7.56 -4.26 12.68
N VAL A 323 6.71 -5.12 13.24
CA VAL A 323 5.75 -4.62 14.24
C VAL A 323 6.48 -4.24 15.50
N SER A 324 7.47 -5.03 15.90
CA SER A 324 8.29 -4.66 17.06
C SER A 324 8.93 -3.30 16.82
N TYR A 325 9.41 -3.07 15.60
CA TYR A 325 9.98 -1.78 15.24
C TYR A 325 8.96 -0.65 15.34
N LEU A 326 7.77 -0.85 14.74
CA LEU A 326 6.82 0.26 14.73
C LEU A 326 6.34 0.57 16.14
N LYS A 327 6.24 -0.43 17.01
CA LYS A 327 5.85 -0.17 18.39
C LYS A 327 6.92 0.60 19.13
N GLN A 328 8.19 0.26 18.90
CA GLN A 328 9.29 1.02 19.53
C GLN A 328 9.28 2.48 19.08
N LYS A 329 8.87 2.74 17.84
CA LYS A 329 8.77 4.11 17.35
C LYS A 329 7.46 4.79 17.71
N GLY A 330 6.53 4.07 18.34
CA GLY A 330 5.24 4.62 18.68
C GLY A 330 4.37 4.96 17.49
N LEU A 331 4.51 4.22 16.39
CA LEU A 331 3.72 4.54 15.22
C LEU A 331 2.27 4.13 15.42
N GLY A 332 1.41 4.64 14.55
CA GLY A 332 -0.02 4.46 14.69
C GLY A 332 -0.55 3.09 14.32
N GLY A 333 0.24 2.26 13.68
CA GLY A 333 -0.23 0.93 13.29
C GLY A 333 0.52 0.47 12.05
N ALA A 334 -0.02 -0.57 11.44
CA ALA A 334 0.52 -1.15 10.22
C ALA A 334 -0.51 -1.07 9.11
N MET A 335 -0.02 -1.01 7.88
CA MET A 335 -0.85 -1.06 6.69
C MET A 335 -0.34 -2.20 5.84
N VAL A 336 -1.22 -2.85 5.05
CA VAL A 336 -0.82 -3.99 4.24
C VAL A 336 -1.29 -3.83 2.81
N TRP A 337 -0.36 -3.95 1.87
CA TRP A 337 -0.68 -4.16 0.45
C TRP A 337 -0.24 -5.58 0.12
N ALA A 338 -1.18 -6.52 -0.12
CA ALA A 338 -2.64 -6.34 -0.15
C ALA A 338 -3.27 -7.65 0.35
N LEU A 339 -4.55 -7.57 0.72
CA LEU A 339 -5.24 -8.74 1.27
C LEU A 339 -5.12 -9.96 0.35
N ASP A 340 -5.24 -9.76 -0.97
CA ASP A 340 -5.31 -10.87 -1.89
C ASP A 340 -3.96 -11.47 -2.23
N LEU A 341 -2.87 -10.90 -1.69
CA LEU A 341 -1.53 -11.44 -1.94
C LEU A 341 -1.01 -12.25 -0.76
N ASP A 342 -1.63 -12.09 0.41
CA ASP A 342 -1.42 -13.03 1.50
C ASP A 342 -2.07 -14.34 1.10
N ASP A 343 -1.75 -15.41 1.84
CA ASP A 343 -2.45 -16.67 1.62
C ASP A 343 -3.80 -16.61 2.31
N PHE A 344 -4.74 -15.92 1.65
CA PHE A 344 -5.96 -15.48 2.30
C PHE A 344 -6.90 -16.63 2.59
N ALA A 345 -6.76 -17.76 1.89
CA ALA A 345 -7.62 -18.90 2.14
C ALA A 345 -6.80 -20.13 2.52
N GLY A 346 -5.56 -19.93 2.97
CA GLY A 346 -4.73 -21.03 3.44
C GLY A 346 -4.50 -22.12 2.42
N PHE A 347 -4.48 -21.76 1.14
CA PHE A 347 -4.45 -22.76 0.06
C PHE A 347 -3.05 -23.12 -0.41
N SER A 348 -2.04 -22.41 0.04
CA SER A 348 -0.70 -22.65 -0.47
C SER A 348 0.34 -22.95 0.61
N CYS A 349 0.30 -22.24 1.73
CA CYS A 349 1.40 -22.21 2.67
C CYS A 349 1.23 -23.13 3.88
N ASN A 350 0.09 -23.79 4.00
CA ASN A 350 -0.22 -24.63 5.17
C ASN A 350 0.01 -23.88 6.49
N GLN A 351 -0.33 -22.57 6.49
CA GLN A 351 -0.25 -21.74 7.69
C GLN A 351 -1.62 -21.20 8.08
N GLY A 352 -2.69 -21.66 7.45
CA GLY A 352 -4.01 -21.15 7.79
C GLY A 352 -4.35 -19.91 6.98
N ARG A 353 -5.49 -19.30 7.31
CA ARG A 353 -5.93 -18.11 6.58
C ARG A 353 -5.11 -16.90 7.00
N TYR A 354 -4.71 -16.10 6.02
CA TYR A 354 -4.04 -14.82 6.26
C TYR A 354 -2.86 -14.96 7.22
N PRO A 355 -1.89 -15.81 6.95
CA PRO A 355 -0.80 -15.96 7.92
C PRO A 355 -0.02 -14.68 8.15
N LEU A 356 0.21 -13.87 7.10
CA LEU A 356 0.95 -12.63 7.34
C LEU A 356 0.10 -11.61 8.06
N ILE A 357 -1.13 -11.39 7.60
CA ILE A 357 -1.90 -10.31 8.19
C ILE A 357 -2.37 -10.70 9.59
N GLN A 358 -2.69 -11.99 9.83
CA GLN A 358 -3.03 -12.41 11.19
C GLN A 358 -1.85 -12.22 12.14
N THR A 359 -0.61 -12.37 11.65
CA THR A 359 0.57 -12.05 12.46
C THR A 359 0.54 -10.60 12.93
N LEU A 360 0.21 -9.67 12.03
CA LEU A 360 0.10 -8.26 12.42
C LEU A 360 -1.01 -8.07 13.44
N ARG A 361 -2.16 -8.71 13.22
CA ARG A 361 -3.28 -8.58 14.13
C ARG A 361 -2.89 -9.05 15.53
N GLN A 362 -2.16 -10.16 15.63
CA GLN A 362 -1.76 -10.67 16.94
C GLN A 362 -0.73 -9.75 17.59
N GLU A 363 0.24 -9.25 16.82
CA GLU A 363 1.32 -8.48 17.42
C GLU A 363 0.92 -7.05 17.72
N LEU A 364 -0.11 -6.51 17.07
CA LEU A 364 -0.54 -5.14 17.33
C LEU A 364 -1.50 -5.08 18.49
#